data_3M3F
#
_entry.id   3M3F
#
_cell.length_a   46.947
_cell.length_b   52.257
_cell.length_c   115.984
_cell.angle_alpha   90.00
_cell.angle_beta   90.00
_cell.angle_gamma   90.00
#
_symmetry.space_group_name_H-M   'P 2 21 21'
#
loop_
_entity.id
_entity.type
_entity.pdbx_description
1 polymer 'Glutamate receptor 3'
2 non-polymer 'GLUTAMIC ACID'
3 non-polymer 2-[2,6-difluoro-4-({2-[(phenylsulfonyl)amino]ethyl}sulfanyl)phenoxy]acetamide
4 non-polymer 'ZINC ION'
5 water water
#
_entity_poly.entity_id   1
_entity_poly.type   'polypeptide(L)'
_entity_poly.pdbx_seq_one_letter_code
;RTIVVTTILESPYVMYKKNHEQLEGNERYEGYCVDLAYEIAKHVRIKYKLSIVGDGKYGARDPETKIWNGMVGELVYGRA
DIAVAPLTITLVREEVIDFSKPFMSLGISIMIKKGTPIESAEDLAKQTEIAYGTLDSGSTKEFFRRSKIAVYEKMWSYMK
SAEPSVFTKTTADGVARVRKSKGKFAFLLESTMNEYIEQRKPCDTMKVGGNLDSKGYGVATPKGSALGNAVNLAVLKLNE
QGLLDKLKNKWWYDKGEC
;
_entity_poly.pdbx_strand_id   A
#
loop_
_chem_comp.id
_chem_comp.type
_chem_comp.name
_chem_comp.formula
P99 non-polymer 2-[2,6-difluoro-4-({2-[(phenylsulfonyl)amino]ethyl}sulfanyl)phenoxy]acetamide 'C16 H16 F2 N2 O4 S2'
ZN non-polymer 'ZINC ION' 'Zn 2'
#
# COMPACT_ATOMS: atom_id res chain seq x y z
N ARG A 1 16.28 18.38 14.15
CA ARG A 1 17.06 17.16 14.10
C ARG A 1 16.16 15.91 13.98
N THR A 2 15.08 15.85 14.76
CA THR A 2 14.09 14.81 14.57
C THR A 2 13.20 15.11 13.37
N ILE A 3 13.51 14.46 12.25
CA ILE A 3 12.67 14.52 11.07
C ILE A 3 11.53 13.54 11.27
N VAL A 4 10.29 13.98 11.09
CA VAL A 4 9.19 13.05 11.29
C VAL A 4 8.91 12.29 10.00
N VAL A 5 8.78 10.96 10.11
CA VAL A 5 8.42 10.15 8.96
C VAL A 5 6.97 9.71 9.11
N THR A 6 6.12 10.20 8.21
CA THR A 6 4.76 9.73 8.16
C THR A 6 4.75 8.31 7.62
N THR A 7 3.76 7.54 8.02
CA THR A 7 3.67 6.16 7.61
C THR A 7 2.33 5.62 8.08
N ILE A 8 2.03 4.40 7.69
CA ILE A 8 0.69 3.88 7.85
C ILE A 8 0.72 2.45 8.36
N LEU A 9 -0.26 2.09 9.19
CA LEU A 9 -0.37 0.70 9.70
C LEU A 9 -0.91 -0.26 8.64
N GLU A 10 0.01 -0.99 8.03
CA GLU A 10 -0.30 -1.90 6.95
C GLU A 10 0.66 -3.06 7.13
N SER A 11 0.15 -4.28 7.10
CA SER A 11 0.99 -5.47 7.33
C SER A 11 1.55 -6.02 6.02
N PRO A 12 2.86 -6.39 6.01
CA PRO A 12 3.80 -6.36 7.15
C PRO A 12 4.74 -5.15 7.10
N TYR A 13 4.30 -4.07 6.48
CA TYR A 13 5.14 -2.89 6.39
C TYR A 13 5.27 -2.26 7.75
N VAL A 14 4.14 -1.90 8.34
CA VAL A 14 4.17 -1.50 9.74
C VAL A 14 2.97 -1.99 10.58
N MET A 15 3.31 -2.57 11.73
CA MET A 15 2.36 -3.26 12.57
C MET A 15 2.86 -3.05 13.98
N TYR A 16 1.95 -2.98 14.95
CA TYR A 16 2.36 -2.94 16.35
C TYR A 16 3.08 -4.22 16.73
N LYS A 17 4.06 -4.11 17.62
CA LYS A 17 4.74 -5.29 18.14
C LYS A 17 3.79 -6.07 19.04
N LYS A 18 4.11 -7.35 19.24
CA LYS A 18 3.15 -8.27 19.84
C LYS A 18 2.38 -7.54 20.91
N ASN A 19 3.12 -7.36 22.02
CA ASN A 19 2.86 -6.44 23.12
C ASN A 19 3.68 -5.14 22.94
N HIS A 20 3.02 -4.16 22.35
CA HIS A 20 3.63 -2.87 22.08
C HIS A 20 3.47 -1.91 23.25
N GLU A 21 2.35 -2.00 23.97
CA GLU A 21 2.14 -1.08 25.08
C GLU A 21 3.28 -1.16 26.10
N GLN A 22 4.19 -2.11 25.88
CA GLN A 22 5.32 -2.32 26.77
C GLN A 22 6.39 -1.28 26.43
N LEU A 23 6.35 -0.82 25.19
CA LEU A 23 7.38 0.04 24.63
C LEU A 23 6.86 1.44 24.32
N GLU A 24 7.73 2.31 23.82
CA GLU A 24 7.38 3.70 23.52
C GLU A 24 8.13 4.21 22.30
N GLY A 25 7.50 5.11 21.56
CA GLY A 25 8.09 5.71 20.37
C GLY A 25 8.22 4.74 19.20
N ASN A 26 9.31 4.87 18.47
CA ASN A 26 9.57 4.00 17.34
C ASN A 26 9.56 2.49 17.74
N GLU A 27 9.93 2.19 18.97
CA GLU A 27 10.04 0.79 19.42
C GLU A 27 8.65 0.08 19.48
N ARG A 28 7.60 0.84 19.38
CA ARG A 28 6.23 0.29 19.41
C ARG A 28 5.91 -0.53 18.15
N TYR A 29 6.60 -0.22 17.05
CA TYR A 29 6.29 -0.85 15.79
C TYR A 29 7.39 -1.77 15.30
N GLU A 30 7.00 -2.64 14.37
CA GLU A 30 7.89 -3.57 13.72
C GLU A 30 7.30 -3.81 12.32
N GLY A 31 8.16 -4.08 11.34
CA GLY A 31 7.68 -4.30 9.99
C GLY A 31 8.74 -4.00 8.97
N TYR A 32 8.38 -4.12 7.69
CA TYR A 32 9.32 -3.96 6.59
C TYR A 32 9.77 -2.51 6.46
N CYS A 33 8.78 -1.61 6.49
CA CYS A 33 9.03 -0.19 6.35
C CYS A 33 9.65 0.37 7.62
N VAL A 34 9.42 -0.31 8.73
CA VAL A 34 10.00 0.07 10.01
C VAL A 34 11.50 -0.25 9.98
N ASP A 35 11.83 -1.39 9.38
CA ASP A 35 13.23 -1.72 9.12
C ASP A 35 13.83 -0.78 8.09
N LEU A 36 13.06 -0.51 7.03
CA LEU A 36 13.48 0.43 6.00
C LEU A 36 13.72 1.87 6.52
N ALA A 37 12.81 2.39 7.34
CA ALA A 37 13.01 3.68 7.97
C ALA A 37 14.35 3.68 8.70
N TYR A 38 14.55 2.73 9.59
CA TYR A 38 15.70 2.80 10.50
C TYR A 38 16.97 3.07 9.71
N GLU A 39 17.17 2.16 8.75
CA GLU A 39 18.41 2.00 8.01
C GLU A 39 18.70 2.98 6.92
N ILE A 40 17.66 3.55 6.34
CA ILE A 40 17.76 4.88 5.71
C ILE A 40 18.24 5.97 6.69
N ALA A 41 17.54 6.11 7.82
CA ALA A 41 17.95 7.02 8.89
C ALA A 41 19.39 6.73 9.27
N LYS A 42 19.82 5.50 9.03
CA LYS A 42 21.20 5.10 9.29
C LYS A 42 22.14 5.59 8.17
N HIS A 43 21.67 5.58 6.94
CA HIS A 43 22.54 5.91 5.81
C HIS A 43 22.61 7.39 5.45
N VAL A 44 21.52 8.13 5.67
CA VAL A 44 21.56 9.60 5.58
C VAL A 44 21.81 10.22 6.97
N ARG A 45 22.01 9.37 7.96
CA ARG A 45 22.40 9.80 9.29
C ARG A 45 21.48 10.89 9.80
N ILE A 46 20.33 10.47 10.31
CA ILE A 46 19.33 11.41 10.82
C ILE A 46 18.52 10.82 11.97
N LYS A 47 18.10 11.66 12.91
CA LYS A 47 17.16 11.26 13.94
C LYS A 47 15.74 11.36 13.39
N TYR A 48 14.91 10.36 13.68
CA TYR A 48 13.55 10.34 13.13
C TYR A 48 12.54 9.84 14.11
N LYS A 49 11.30 10.27 13.91
CA LYS A 49 10.18 9.79 14.70
C LYS A 49 9.17 9.21 13.73
N LEU A 50 8.92 7.91 13.84
CA LEU A 50 7.83 7.31 13.11
C LEU A 50 6.50 7.90 13.59
N SER A 51 5.73 8.37 12.62
CA SER A 51 4.43 8.92 12.94
C SER A 51 3.36 8.34 12.03
N ILE A 52 2.48 7.52 12.61
CA ILE A 52 1.39 6.88 11.85
C ILE A 52 0.30 7.88 11.48
N VAL A 53 0.06 8.05 10.19
CA VAL A 53 -0.96 9.00 9.72
C VAL A 53 -2.31 8.89 10.42
N GLY A 54 -2.77 10.06 10.91
CA GLY A 54 -4.01 10.21 11.64
C GLY A 54 -5.23 9.63 10.97
N ASP A 55 -5.54 10.06 9.74
CA ASP A 55 -6.71 9.55 9.05
C ASP A 55 -6.51 8.11 8.52
N GLY A 56 -5.32 7.56 8.70
CA GLY A 56 -5.02 6.22 8.24
C GLY A 56 -5.19 5.99 6.76
N LYS A 57 -4.90 6.99 5.94
CA LYS A 57 -5.04 6.85 4.49
C LYS A 57 -3.72 7.02 3.74
N TYR A 58 -3.75 6.71 2.43
CA TYR A 58 -2.56 6.87 1.61
C TYR A 58 -2.43 8.30 1.09
N GLY A 59 -3.43 8.74 0.35
CA GLY A 59 -3.44 10.09 -0.15
C GLY A 59 -4.15 10.20 -1.47
N ALA A 60 -5.27 10.91 -1.44
CA ALA A 60 -6.00 11.21 -2.65
C ALA A 60 -6.42 12.66 -2.54
N ARG A 61 -6.47 13.35 -3.67
CA ARG A 61 -6.93 14.73 -3.67
C ARG A 61 -8.43 14.77 -3.74
N ASP A 62 -9.06 15.35 -2.70
CA ASP A 62 -10.49 15.51 -2.68
C ASP A 62 -10.93 16.31 -3.91
N PRO A 63 -11.83 15.74 -4.72
CA PRO A 63 -12.29 16.37 -5.97
C PRO A 63 -12.91 17.74 -5.68
N GLU A 64 -13.76 17.81 -4.67
CA GLU A 64 -14.44 19.05 -4.31
C GLU A 64 -13.52 20.06 -3.62
N THR A 65 -13.14 19.77 -2.38
CA THR A 65 -12.37 20.72 -1.57
C THR A 65 -10.91 20.83 -1.95
N LYS A 66 -10.45 20.05 -2.93
CA LYS A 66 -9.10 20.24 -3.46
C LYS A 66 -7.95 19.83 -2.50
N ILE A 67 -8.29 19.34 -1.31
CA ILE A 67 -7.24 19.02 -0.34
C ILE A 67 -6.68 17.61 -0.50
N TRP A 68 -5.44 17.41 -0.06
CA TRP A 68 -4.83 16.09 -0.02
C TRP A 68 -4.95 15.47 1.36
N ASN A 69 -5.32 14.20 1.41
CA ASN A 69 -5.34 13.48 2.67
C ASN A 69 -4.21 12.46 2.75
N GLY A 70 -4.26 11.61 3.77
CA GLY A 70 -3.31 10.52 3.96
C GLY A 70 -1.89 11.01 4.12
N MET A 71 -0.93 10.12 3.95
CA MET A 71 0.47 10.50 4.06
C MET A 71 0.83 11.59 3.05
N VAL A 72 0.14 11.62 1.91
CA VAL A 72 0.50 12.58 0.88
C VAL A 72 0.19 13.99 1.33
N GLY A 73 -0.97 14.18 1.95
CA GLY A 73 -1.27 15.46 2.57
C GLY A 73 -0.21 15.81 3.61
N GLU A 74 0.07 14.90 4.52
CA GLU A 74 1.10 15.15 5.53
C GLU A 74 2.29 15.90 4.93
N LEU A 75 2.92 15.30 3.92
CA LEU A 75 4.05 15.90 3.24
C LEU A 75 3.68 17.27 2.64
N VAL A 76 2.64 17.28 1.84
CA VAL A 76 2.27 18.48 1.12
C VAL A 76 2.04 19.69 2.04
N TYR A 77 1.51 19.45 3.25
CA TYR A 77 1.18 20.54 4.18
C TYR A 77 2.24 20.71 5.26
N GLY A 78 3.40 20.11 5.02
CA GLY A 78 4.57 20.36 5.84
C GLY A 78 4.48 19.72 7.21
N ARG A 79 3.72 18.64 7.32
CA ARG A 79 3.57 17.94 8.58
C ARG A 79 4.54 16.78 8.71
N ALA A 80 4.85 16.13 7.60
CA ALA A 80 5.87 15.11 7.65
C ALA A 80 7.04 15.54 6.80
N ASP A 81 8.23 15.16 7.22
CA ASP A 81 9.44 15.43 6.46
C ASP A 81 9.71 14.35 5.44
N ILE A 82 9.14 13.16 5.67
CA ILE A 82 9.38 12.02 4.79
C ILE A 82 8.37 10.88 4.99
N ALA A 83 8.11 10.10 3.94
CA ALA A 83 7.20 8.95 4.02
C ALA A 83 7.88 7.64 3.70
N VAL A 84 8.06 6.81 4.73
CA VAL A 84 8.47 5.44 4.51
C VAL A 84 7.25 4.55 4.67
N ALA A 85 6.85 3.95 3.54
CA ALA A 85 5.69 3.08 3.47
C ALA A 85 5.38 2.67 2.02
N PRO A 86 4.37 1.81 1.88
CA PRO A 86 3.95 1.29 0.57
C PRO A 86 3.13 2.31 -0.19
N LEU A 87 3.76 3.43 -0.52
CA LEU A 87 3.11 4.52 -1.21
C LEU A 87 3.44 4.37 -2.68
N THR A 88 2.43 4.12 -3.48
CA THR A 88 2.64 3.95 -4.91
C THR A 88 3.07 5.25 -5.64
N ILE A 89 4.15 5.13 -6.40
CA ILE A 89 4.60 6.15 -7.34
C ILE A 89 3.53 6.43 -8.40
N THR A 90 2.91 7.61 -8.34
CA THR A 90 1.91 7.99 -9.32
C THR A 90 2.17 9.40 -9.87
N LEU A 91 1.66 9.66 -11.07
CA LEU A 91 1.84 10.93 -11.77
C LEU A 91 1.23 12.11 -11.00
N VAL A 92 -0.06 11.99 -10.70
CA VAL A 92 -0.78 12.97 -9.88
C VAL A 92 -0.09 13.25 -8.54
N ARG A 93 0.68 12.29 -8.06
CA ARG A 93 1.39 12.47 -6.80
C ARG A 93 2.76 13.07 -7.01
N GLU A 94 3.38 12.74 -8.14
CA GLU A 94 4.71 13.23 -8.49
C GLU A 94 4.64 14.72 -8.75
N GLU A 95 3.46 15.16 -9.15
CA GLU A 95 3.23 16.57 -9.40
C GLU A 95 3.28 17.34 -8.09
N VAL A 96 2.94 16.70 -6.99
CA VAL A 96 2.93 17.40 -5.70
C VAL A 96 3.94 16.89 -4.66
N ILE A 97 4.64 15.79 -4.95
CA ILE A 97 5.71 15.35 -4.04
C ILE A 97 6.90 14.71 -4.77
N ASP A 98 7.94 14.34 -4.03
CA ASP A 98 9.03 13.61 -4.63
C ASP A 98 9.01 12.14 -4.20
N PHE A 99 9.39 11.27 -5.13
CA PHE A 99 9.58 9.87 -4.82
C PHE A 99 11.03 9.52 -5.04
N SER A 100 11.59 8.70 -4.17
CA SER A 100 12.86 8.07 -4.48
C SER A 100 12.62 7.15 -5.64
N LYS A 101 13.68 6.49 -6.09
CA LYS A 101 13.52 5.38 -7.01
C LYS A 101 12.79 4.30 -6.22
N PRO A 102 11.85 3.63 -6.89
CA PRO A 102 11.00 2.65 -6.19
C PRO A 102 11.80 1.60 -5.40
N PHE A 103 11.37 1.34 -4.16
CA PHE A 103 12.06 0.40 -3.28
C PHE A 103 11.45 -0.99 -3.31
N MET A 104 10.35 -1.14 -4.03
CA MET A 104 9.64 -2.41 -4.15
C MET A 104 8.77 -2.40 -5.40
N SER A 105 8.46 -3.59 -5.87
CA SER A 105 7.69 -3.74 -7.09
C SER A 105 6.33 -4.39 -6.83
N LEU A 106 5.28 -3.78 -7.34
CA LEU A 106 3.94 -4.34 -7.24
C LEU A 106 3.07 -4.10 -8.49
N GLY A 107 1.87 -4.64 -8.46
CA GLY A 107 0.87 -4.40 -9.50
C GLY A 107 -0.49 -4.64 -8.90
N ILE A 108 -1.53 -4.13 -9.52
CA ILE A 108 -2.85 -4.43 -9.03
C ILE A 108 -3.17 -5.90 -9.33
N SER A 109 -3.90 -6.54 -8.42
CA SER A 109 -4.10 -7.97 -8.48
C SER A 109 -5.44 -8.31 -7.84
N ILE A 110 -5.99 -9.46 -8.24
CA ILE A 110 -7.26 -9.94 -7.70
C ILE A 110 -6.97 -10.87 -6.54
N MET A 111 -7.65 -10.63 -5.43
CA MET A 111 -7.63 -11.53 -4.28
C MET A 111 -8.99 -12.22 -4.20
N ILE A 112 -8.97 -13.55 -4.13
CA ILE A 112 -10.22 -14.34 -4.04
C ILE A 112 -10.18 -15.25 -2.83
N LYS A 113 -11.36 -15.58 -2.33
CA LYS A 113 -11.47 -16.70 -1.42
C LYS A 113 -11.15 -17.96 -2.23
N LYS A 114 -10.50 -18.93 -1.60
CA LYS A 114 -10.19 -20.14 -2.34
C LYS A 114 -11.45 -20.83 -2.82
N GLY A 115 -11.47 -21.12 -4.11
CA GLY A 115 -12.59 -21.84 -4.70
C GLY A 115 -13.37 -20.94 -5.63
N THR A 116 -13.52 -19.68 -5.26
CA THR A 116 -14.17 -18.72 -6.13
C THR A 116 -13.84 -19.00 -7.60
N PRO A 117 -14.88 -18.99 -8.44
CA PRO A 117 -14.73 -19.27 -9.87
C PRO A 117 -14.39 -17.99 -10.61
N ILE A 118 -13.18 -17.49 -10.37
CA ILE A 118 -12.71 -16.30 -11.08
C ILE A 118 -11.21 -16.39 -11.38
N GLU A 119 -10.83 -15.98 -12.59
CA GLU A 119 -9.43 -16.03 -12.99
C GLU A 119 -8.90 -14.66 -13.43
N SER A 120 -9.78 -13.78 -13.91
CA SER A 120 -9.31 -12.57 -14.57
C SER A 120 -10.22 -11.39 -14.38
N ALA A 121 -9.68 -10.20 -14.62
CA ALA A 121 -10.47 -8.99 -14.57
C ALA A 121 -11.73 -9.23 -15.38
N GLU A 122 -11.54 -9.60 -16.64
CA GLU A 122 -12.64 -9.83 -17.56
C GLU A 122 -13.69 -10.76 -16.95
N ASP A 123 -13.24 -11.82 -16.27
CA ASP A 123 -14.13 -12.74 -15.57
C ASP A 123 -15.02 -11.98 -14.55
N LEU A 124 -14.38 -11.17 -13.71
CA LEU A 124 -15.09 -10.30 -12.78
C LEU A 124 -16.05 -9.35 -13.49
N ALA A 125 -15.52 -8.60 -14.45
CA ALA A 125 -16.33 -7.64 -15.19
C ALA A 125 -17.60 -8.23 -15.84
N LYS A 126 -17.52 -9.45 -16.36
CA LYS A 126 -18.62 -9.98 -17.17
C LYS A 126 -19.75 -10.62 -16.37
N GLN A 127 -19.72 -10.45 -15.06
CA GLN A 127 -20.70 -11.11 -14.20
C GLN A 127 -21.10 -10.20 -13.06
N THR A 128 -22.07 -10.62 -12.26
CA THR A 128 -22.59 -9.76 -11.19
C THR A 128 -22.95 -10.52 -9.92
N GLU A 129 -22.70 -11.82 -9.88
CA GLU A 129 -22.94 -12.58 -8.65
C GLU A 129 -21.90 -12.27 -7.57
N ILE A 130 -20.62 -12.31 -7.96
CA ILE A 130 -19.51 -11.96 -7.07
C ILE A 130 -19.30 -10.45 -7.11
N ALA A 131 -19.34 -9.83 -5.93
CA ALA A 131 -19.10 -8.40 -5.78
C ALA A 131 -17.60 -8.18 -5.65
N TYR A 132 -17.15 -6.96 -5.91
CA TYR A 132 -15.73 -6.64 -5.78
C TYR A 132 -15.46 -5.17 -5.42
N GLY A 133 -14.34 -4.95 -4.72
CA GLY A 133 -13.98 -3.62 -4.22
C GLY A 133 -12.51 -3.32 -4.22
N THR A 134 -12.13 -2.27 -3.50
CA THR A 134 -10.73 -1.85 -3.41
C THR A 134 -10.61 -0.98 -2.19
N LEU A 135 -9.38 -0.60 -1.88
CA LEU A 135 -9.13 0.36 -0.82
C LEU A 135 -9.63 1.74 -1.26
N ASP A 136 -10.27 2.44 -0.32
CA ASP A 136 -10.68 3.81 -0.53
C ASP A 136 -9.46 4.74 -0.35
N SER A 137 -9.41 5.83 -1.11
CA SER A 137 -8.36 6.84 -0.95
C SER A 137 -6.95 6.30 -1.23
N GLY A 138 -6.86 5.40 -2.21
CA GLY A 138 -5.58 4.89 -2.66
C GLY A 138 -5.46 4.87 -4.19
N SER A 139 -4.33 4.38 -4.68
CA SER A 139 -4.00 4.43 -6.11
C SER A 139 -4.75 3.40 -6.92
N THR A 140 -5.18 2.34 -6.25
CA THR A 140 -5.95 1.30 -6.91
C THR A 140 -7.31 1.88 -7.28
N LYS A 141 -7.99 2.48 -6.30
CA LYS A 141 -9.28 3.08 -6.61
C LYS A 141 -9.11 4.08 -7.75
N GLU A 142 -8.10 4.95 -7.64
CA GLU A 142 -7.81 5.95 -8.65
C GLU A 142 -7.55 5.37 -10.05
N PHE A 143 -6.88 4.23 -10.10
CA PHE A 143 -6.51 3.58 -11.35
C PHE A 143 -7.77 3.25 -12.13
N PHE A 144 -8.77 2.74 -11.44
CA PHE A 144 -10.04 2.36 -12.07
C PHE A 144 -10.90 3.54 -12.45
N ARG A 145 -10.86 4.58 -11.61
CA ARG A 145 -11.52 5.85 -11.88
C ARG A 145 -10.93 6.52 -13.12
N ARG A 146 -9.63 6.34 -13.32
CA ARG A 146 -8.89 7.05 -14.37
C ARG A 146 -8.85 6.32 -15.69
N SER A 147 -9.25 5.05 -15.68
CA SER A 147 -8.98 4.16 -16.81
C SER A 147 -9.99 4.25 -17.95
N LYS A 148 -9.47 4.10 -19.17
CA LYS A 148 -10.27 4.16 -20.39
C LYS A 148 -10.18 2.86 -21.18
N ILE A 149 -9.57 1.84 -20.57
CA ILE A 149 -9.63 0.47 -21.07
C ILE A 149 -11.00 -0.08 -20.72
N ALA A 150 -11.70 -0.55 -21.75
CA ALA A 150 -13.12 -0.95 -21.65
C ALA A 150 -13.47 -1.84 -20.45
N VAL A 151 -12.74 -2.94 -20.27
CA VAL A 151 -13.03 -3.84 -19.15
C VAL A 151 -12.94 -3.10 -17.80
N TYR A 152 -11.92 -2.26 -17.65
CA TYR A 152 -11.79 -1.42 -16.44
C TYR A 152 -12.86 -0.33 -16.36
N GLU A 153 -13.23 0.27 -17.50
CA GLU A 153 -14.41 1.14 -17.59
C GLU A 153 -15.63 0.46 -16.95
N LYS A 154 -15.86 -0.79 -17.32
CA LYS A 154 -17.02 -1.54 -16.81
C LYS A 154 -16.89 -1.79 -15.31
N MET A 155 -15.73 -2.32 -14.92
CA MET A 155 -15.46 -2.60 -13.51
C MET A 155 -15.54 -1.34 -12.65
N TRP A 156 -15.26 -0.18 -13.24
CA TRP A 156 -15.38 1.06 -12.48
C TRP A 156 -16.85 1.49 -12.29
N SER A 157 -17.60 1.69 -13.37
CA SER A 157 -18.97 2.13 -13.22
C SER A 157 -19.75 1.18 -12.27
N TYR A 158 -19.42 -0.10 -12.30
CA TYR A 158 -20.04 -1.03 -11.35
C TYR A 158 -19.74 -0.58 -9.92
N MET A 159 -18.46 -0.56 -9.54
CA MET A 159 -18.04 -0.27 -8.18
C MET A 159 -18.64 1.05 -7.71
N LYS A 160 -18.40 2.09 -8.50
CA LYS A 160 -18.88 3.42 -8.21
C LYS A 160 -20.34 3.50 -7.70
N SER A 161 -21.17 2.51 -8.03
CA SER A 161 -22.57 2.53 -7.59
C SER A 161 -22.93 1.37 -6.68
N ALA A 162 -21.99 0.47 -6.43
CA ALA A 162 -22.33 -0.77 -5.72
C ALA A 162 -22.80 -0.55 -4.28
N GLU A 163 -23.97 -1.07 -3.96
CA GLU A 163 -24.41 -1.00 -2.56
C GLU A 163 -24.68 -2.40 -1.99
N PRO A 164 -24.12 -2.58 -0.77
CA PRO A 164 -23.42 -1.45 -0.10
C PRO A 164 -22.02 -1.06 -0.65
N SER A 165 -21.44 0.06 -0.23
CA SER A 165 -20.12 0.45 -0.74
C SER A 165 -19.12 -0.72 -0.80
N VAL A 166 -18.37 -0.80 -1.90
CA VAL A 166 -17.33 -1.83 -2.06
C VAL A 166 -15.93 -1.23 -1.84
N PHE A 167 -15.91 0.02 -1.37
CA PHE A 167 -14.66 0.69 -1.01
C PHE A 167 -14.47 0.67 0.49
N THR A 168 -13.32 0.11 0.89
CA THR A 168 -13.02 -0.19 2.28
C THR A 168 -12.09 0.86 2.91
N LYS A 169 -12.27 1.10 4.21
CA LYS A 169 -11.44 2.05 4.92
C LYS A 169 -10.03 1.50 5.07
N THR A 170 -9.90 0.18 5.20
CA THR A 170 -8.58 -0.43 5.26
C THR A 170 -8.48 -1.67 4.40
N THR A 171 -7.24 -2.14 4.23
CA THR A 171 -6.92 -3.36 3.50
C THR A 171 -7.49 -4.58 4.25
N ALA A 172 -7.30 -4.60 5.57
CA ALA A 172 -7.85 -5.64 6.42
C ALA A 172 -9.37 -5.74 6.28
N ASP A 173 -10.05 -4.64 6.00
CA ASP A 173 -11.49 -4.74 5.79
C ASP A 173 -11.82 -5.51 4.49
N GLY A 174 -11.07 -5.26 3.43
CA GLY A 174 -11.28 -6.03 2.21
C GLY A 174 -11.05 -7.52 2.48
N VAL A 175 -9.91 -7.82 3.10
CA VAL A 175 -9.53 -9.20 3.41
C VAL A 175 -10.60 -9.86 4.24
N ALA A 176 -10.98 -9.21 5.33
CA ALA A 176 -12.00 -9.74 6.21
C ALA A 176 -13.26 -10.00 5.42
N ARG A 177 -13.53 -9.13 4.47
CA ARG A 177 -14.76 -9.18 3.69
C ARG A 177 -14.68 -10.28 2.62
N VAL A 178 -13.48 -10.54 2.13
CA VAL A 178 -13.28 -11.61 1.16
C VAL A 178 -13.51 -12.96 1.85
N ARG A 179 -13.03 -13.03 3.10
CA ARG A 179 -13.10 -14.23 3.91
C ARG A 179 -14.49 -14.50 4.49
N LYS A 180 -15.18 -13.45 4.90
CA LYS A 180 -16.51 -13.61 5.47
C LYS A 180 -17.53 -13.92 4.38
N SER A 181 -17.13 -13.74 3.12
CA SER A 181 -18.10 -13.60 2.03
C SER A 181 -18.49 -14.90 1.33
N LYS A 182 -17.80 -15.99 1.64
CA LYS A 182 -18.11 -17.29 1.04
C LYS A 182 -18.02 -17.23 -0.47
N GLY A 183 -17.02 -16.53 -0.99
CA GLY A 183 -16.80 -16.51 -2.42
C GLY A 183 -17.58 -15.48 -3.22
N LYS A 184 -18.39 -14.65 -2.55
CA LYS A 184 -19.18 -13.61 -3.25
C LYS A 184 -18.56 -12.21 -3.14
N PHE A 185 -17.26 -12.13 -2.84
CA PHE A 185 -16.56 -10.83 -2.84
C PHE A 185 -15.08 -11.01 -3.22
N ALA A 186 -14.71 -10.51 -4.39
CA ALA A 186 -13.30 -10.36 -4.74
C ALA A 186 -12.83 -8.96 -4.30
N PHE A 187 -11.51 -8.81 -4.17
CA PHE A 187 -10.95 -7.58 -3.63
C PHE A 187 -9.67 -7.21 -4.37
N LEU A 188 -9.69 -6.06 -5.01
CA LEU A 188 -8.59 -5.60 -5.82
C LEU A 188 -7.58 -4.84 -4.95
N LEU A 189 -6.38 -5.39 -4.87
CA LEU A 189 -5.31 -4.82 -4.04
C LEU A 189 -3.94 -5.00 -4.69
N GLU A 190 -2.90 -4.56 -4.00
CA GLU A 190 -1.60 -4.65 -4.62
C GLU A 190 -1.06 -6.03 -4.34
N SER A 191 -0.36 -6.58 -5.32
CA SER A 191 0.06 -7.98 -5.27
C SER A 191 1.03 -8.25 -4.15
N THR A 192 1.71 -7.21 -3.67
CA THR A 192 2.56 -7.32 -2.50
C THR A 192 1.76 -7.77 -1.27
N MET A 193 0.76 -6.95 -0.92
CA MET A 193 -0.25 -7.27 0.08
C MET A 193 -0.91 -8.62 -0.19
N ASN A 194 -1.32 -8.82 -1.44
CA ASN A 194 -2.02 -10.04 -1.82
C ASN A 194 -1.24 -11.30 -1.44
N GLU A 195 0.05 -11.30 -1.77
CA GLU A 195 0.96 -12.39 -1.52
C GLU A 195 1.30 -12.50 -0.03
N TYR A 196 1.21 -11.38 0.67
CA TYR A 196 1.36 -11.46 2.10
C TYR A 196 0.23 -12.26 2.73
N ILE A 197 -0.99 -12.05 2.23
CA ILE A 197 -2.18 -12.58 2.87
C ILE A 197 -2.36 -14.03 2.44
N GLU A 198 -1.83 -14.34 1.25
CA GLU A 198 -1.79 -15.70 0.73
C GLU A 198 -0.96 -16.57 1.66
N GLN A 199 0.03 -15.97 2.31
CA GLN A 199 0.93 -16.67 3.24
C GLN A 199 0.48 -16.60 4.68
N ARG A 200 -0.75 -16.16 4.89
CA ARG A 200 -1.25 -16.01 6.25
C ARG A 200 -2.38 -17.01 6.50
N LYS A 201 -2.33 -17.66 7.66
CA LYS A 201 -3.43 -18.48 8.13
C LYS A 201 -4.64 -17.54 8.24
N PRO A 202 -5.85 -18.05 7.91
CA PRO A 202 -6.16 -19.45 7.65
C PRO A 202 -5.95 -19.95 6.23
N CYS A 203 -5.16 -19.24 5.42
CA CYS A 203 -4.79 -19.73 4.08
C CYS A 203 -5.97 -19.96 3.13
N ASP A 204 -7.02 -19.14 3.28
CA ASP A 204 -8.23 -19.25 2.47
C ASP A 204 -8.35 -18.16 1.37
N THR A 205 -7.27 -17.44 1.08
CA THR A 205 -7.29 -16.45 0.01
C THR A 205 -6.14 -16.69 -0.96
N MET A 206 -6.22 -16.10 -2.15
CA MET A 206 -5.10 -16.17 -3.08
C MET A 206 -5.18 -15.15 -4.20
N LYS A 207 -4.04 -14.93 -4.88
CA LYS A 207 -4.03 -14.11 -6.07
C LYS A 207 -4.42 -14.94 -7.28
N VAL A 208 -5.21 -14.36 -8.19
CA VAL A 208 -5.57 -15.05 -9.45
C VAL A 208 -5.30 -14.26 -10.73
N GLY A 209 -4.37 -14.77 -11.53
CA GLY A 209 -4.09 -14.14 -12.80
C GLY A 209 -2.89 -13.23 -12.66
N GLY A 210 -2.65 -12.45 -13.70
CA GLY A 210 -1.56 -11.50 -13.66
C GLY A 210 -2.04 -10.19 -13.07
N ASN A 211 -1.08 -9.35 -12.71
CA ASN A 211 -1.34 -7.98 -12.29
C ASN A 211 -1.88 -7.17 -13.45
N LEU A 212 -2.83 -6.27 -13.15
CA LEU A 212 -3.44 -5.45 -14.18
C LEU A 212 -2.43 -4.44 -14.69
N ASP A 213 -1.48 -4.06 -13.83
CA ASP A 213 -0.43 -3.09 -14.17
C ASP A 213 0.86 -3.35 -13.38
N SER A 214 1.93 -2.65 -13.75
CA SER A 214 3.24 -2.79 -13.09
C SER A 214 3.87 -1.46 -12.69
N LYS A 215 4.10 -1.30 -11.39
CA LYS A 215 4.56 -0.07 -10.76
C LYS A 215 5.37 -0.39 -9.50
N GLY A 216 5.58 0.59 -8.65
CA GLY A 216 6.40 0.38 -7.46
C GLY A 216 6.14 1.40 -6.37
N TYR A 217 6.64 1.11 -5.17
CA TYR A 217 6.58 2.04 -4.05
C TYR A 217 7.90 2.81 -3.99
N GLY A 218 7.78 4.11 -3.67
CA GLY A 218 8.93 4.97 -3.46
C GLY A 218 8.87 5.64 -2.10
N VAL A 219 10.02 5.95 -1.52
CA VAL A 219 10.07 6.82 -0.35
C VAL A 219 9.76 8.25 -0.79
N ALA A 220 8.88 8.95 -0.05
CA ALA A 220 8.46 10.29 -0.50
C ALA A 220 8.92 11.41 0.39
N THR A 221 9.03 12.57 -0.26
CA THR A 221 9.55 13.80 0.34
C THR A 221 8.67 14.95 -0.08
N PRO A 222 8.68 16.03 0.70
CA PRO A 222 7.94 17.18 0.24
C PRO A 222 8.61 17.54 -1.09
N LYS A 223 7.88 18.19 -2.00
CA LYS A 223 8.44 18.53 -3.32
C LYS A 223 9.69 19.44 -3.20
N GLY A 224 10.76 19.05 -3.88
CA GLY A 224 12.01 19.79 -3.90
C GLY A 224 12.76 19.90 -2.58
N SER A 225 12.29 19.21 -1.55
CA SER A 225 13.02 19.09 -0.29
C SER A 225 14.44 18.59 -0.57
N ALA A 226 15.42 19.11 0.17
CA ALA A 226 16.81 18.75 -0.08
C ALA A 226 17.11 17.32 0.32
N LEU A 227 16.16 16.69 0.98
CA LEU A 227 16.39 15.36 1.54
C LEU A 227 16.14 14.24 0.52
N GLY A 228 15.48 14.55 -0.57
CA GLY A 228 15.28 13.56 -1.61
C GLY A 228 16.59 12.91 -2.04
N ASN A 229 17.55 13.74 -2.45
CA ASN A 229 18.85 13.27 -2.89
C ASN A 229 19.41 12.11 -2.06
N ALA A 230 19.68 12.37 -0.78
CA ALA A 230 20.27 11.37 0.09
C ALA A 230 19.38 10.14 0.14
N VAL A 231 18.14 10.33 0.57
CA VAL A 231 17.15 9.26 0.62
C VAL A 231 17.26 8.33 -0.59
N ASN A 232 17.24 8.90 -1.80
CA ASN A 232 17.32 8.11 -3.02
C ASN A 232 18.65 7.37 -3.14
N LEU A 233 19.74 8.09 -2.89
CA LEU A 233 21.06 7.47 -2.83
C LEU A 233 21.11 6.32 -1.83
N ALA A 234 20.33 6.41 -0.75
CA ALA A 234 20.33 5.32 0.23
C ALA A 234 19.54 4.11 -0.30
N VAL A 235 18.43 4.37 -1.02
CA VAL A 235 17.61 3.30 -1.58
C VAL A 235 18.41 2.47 -2.59
N LEU A 236 19.07 3.16 -3.52
CA LEU A 236 19.86 2.54 -4.56
C LEU A 236 20.97 1.72 -3.97
N LYS A 237 21.40 2.10 -2.78
CA LYS A 237 22.51 1.38 -2.16
C LYS A 237 21.98 0.11 -1.48
N LEU A 238 20.81 0.24 -0.85
CA LEU A 238 20.19 -0.89 -0.20
C LEU A 238 19.88 -1.98 -1.20
N ASN A 239 19.42 -1.57 -2.36
CA ASN A 239 19.15 -2.48 -3.46
C ASN A 239 20.43 -3.21 -3.87
N GLU A 240 21.43 -2.46 -4.30
CA GLU A 240 22.70 -3.05 -4.73
C GLU A 240 23.39 -3.88 -3.65
N GLN A 241 23.10 -3.58 -2.38
CA GLN A 241 23.65 -4.31 -1.24
C GLN A 241 22.92 -5.63 -1.01
N GLY A 242 21.71 -5.73 -1.54
CA GLY A 242 20.90 -6.92 -1.48
C GLY A 242 19.91 -6.88 -0.33
N LEU A 243 19.73 -5.71 0.25
CA LEU A 243 19.06 -5.57 1.53
C LEU A 243 17.53 -5.40 1.48
N LEU A 244 17.00 -4.89 0.38
CA LEU A 244 15.55 -4.81 0.22
C LEU A 244 15.02 -6.25 0.08
N ASP A 245 15.68 -7.00 -0.80
CA ASP A 245 15.42 -8.43 -0.95
C ASP A 245 15.42 -9.17 0.38
N LYS A 246 16.47 -8.97 1.16
CA LYS A 246 16.57 -9.59 2.48
C LYS A 246 15.32 -9.33 3.31
N LEU A 247 14.91 -8.06 3.41
CA LEU A 247 13.73 -7.63 4.16
C LEU A 247 12.42 -8.16 3.59
N LYS A 248 12.32 -8.15 2.26
CA LYS A 248 11.14 -8.70 1.59
C LYS A 248 10.93 -10.19 1.93
N ASN A 249 12.01 -10.98 1.93
CA ASN A 249 11.91 -12.39 2.37
C ASN A 249 11.55 -12.46 3.83
N LYS A 250 12.26 -11.70 4.65
CA LYS A 250 12.01 -11.70 6.07
C LYS A 250 10.53 -11.45 6.40
N TRP A 251 9.90 -10.49 5.72
CA TRP A 251 8.56 -10.09 6.14
C TRP A 251 7.44 -10.91 5.51
N TRP A 252 7.65 -11.39 4.29
CA TRP A 252 6.63 -12.12 3.56
C TRP A 252 6.79 -13.65 3.54
N TYR A 253 7.97 -14.13 3.18
CA TYR A 253 8.18 -15.54 2.91
C TYR A 253 8.72 -16.36 4.07
N ASP A 254 9.74 -15.85 4.74
CA ASP A 254 10.31 -16.56 5.89
C ASP A 254 9.28 -16.71 7.04
N LYS A 255 8.45 -15.68 7.23
CA LYS A 255 7.34 -15.74 8.18
C LYS A 255 6.11 -16.58 7.69
N GLY A 256 6.25 -17.20 6.51
CA GLY A 256 5.14 -17.77 5.76
C GLY A 256 4.45 -19.01 6.30
N GLU A 257 3.12 -18.93 6.39
CA GLU A 257 2.30 -19.91 7.10
C GLU A 257 1.52 -20.94 6.25
N CYS A 258 1.60 -20.86 4.93
CA CYS A 258 0.68 -21.62 4.09
C CYS A 258 1.34 -22.39 2.95
N GLU B . -0.31 1.61 -2.26
CA GLU B . -1.60 2.23 -2.53
C GLU B . -1.43 3.72 -2.48
O GLU B . -2.39 4.48 -2.51
CB GLU B . -2.66 1.80 -1.50
CG GLU B . -3.23 0.38 -1.70
CD GLU B . -4.18 0.25 -2.90
OE1 GLU B . -4.42 -0.91 -3.31
OE2 GLU B . -4.67 1.28 -3.41
OXT GLU B . -0.31 4.18 -2.37
N01 P99 C . 13.30 -3.23 -4.97
N01 P99 C . 7.81 -0.52 -16.90
C02 P99 C . 13.40 -2.99 -6.41
C02 P99 C . 7.67 -0.37 -15.45
O03 P99 C . 14.46 -3.07 -6.94
O03 P99 C . 6.85 0.36 -14.99
C04 P99 C . 12.13 -2.67 -7.23
C04 P99 C . 8.52 -1.24 -14.50
O05 P99 C . 12.39 -1.63 -8.14
O05 P99 C . 9.24 -0.42 -13.62
C06 P99 C . 11.66 -1.46 -9.34
C06 P99 C . 9.72 -0.83 -12.37
C07 P99 C . 12.40 -1.57 -10.68
C07 P99 C . 8.85 -0.70 -11.10
F08 P99 C . 13.75 -1.78 -10.69
F08 P99 C . 7.58 -0.20 -11.22
C09 P99 C . 11.63 -1.44 -12.00
C09 P99 C . 9.42 -1.13 -9.72
C10 P99 C . 10.10 -1.19 -11.96
C10 P99 C . 10.86 -1.69 -9.64
S11 P99 C . 9.16 -1.05 -13.48
S11 P99 C . 11.62 -2.26 -8.10
C12 P99 C . 7.49 -0.49 -13.03
C12 P99 C . 13.34 -2.70 -8.50
C13 P99 C . 7.37 1.04 -13.26
C13 P99 C . 14.25 -1.52 -8.14
N14 P99 C . 8.55 1.72 -12.70
N14 P99 C . 13.60 -0.25 -8.48
S15 P99 C . 8.05 2.75 -11.43
S15 P99 C . 14.69 0.72 -9.41
O16 P99 C . 9.30 3.65 -10.84
O16 P99 C . 14.24 2.30 -9.38
O17 P99 C . 7.37 1.83 -10.25
O17 P99 C . 14.70 0.16 -10.97
C18 P99 C . 6.75 3.84 -12.04
C18 P99 C . 16.35 0.53 -8.73
C19 P99 C . 5.37 3.77 -11.39
C19 P99 C . 17.45 -0.11 -9.58
C20 P99 C . 4.26 4.64 -11.98
C20 P99 C . 18.85 -0.30 -8.98
C21 P99 C . 4.54 5.57 -13.17
C21 P99 C . 19.12 0.14 -7.52
C22 P99 C . 5.93 5.63 -13.81
C22 P99 C . 18.00 0.77 -6.68
C23 P99 C . 7.04 4.74 -13.24
C23 P99 C . 16.60 0.97 -7.28
C24 P99 C . 9.35 -1.06 -10.63
C24 P99 C . 11.73 -1.79 -10.91
C25 P99 C . 10.13 -1.18 -9.32
C25 P99 C . 11.17 -1.37 -12.26
F26 P99 C . 9.44 -1.10 -8.16
F26 P99 C . 11.92 -1.49 -13.38
ZN ZN D . -2.07 0.67 21.91
ZN ZN E . 22.52 -0.59 5.77
#